data_5HVN
#
_entry.id   5HVN
#
_cell.length_a   178.978
_cell.length_b   178.978
_cell.length_c   96.219
_cell.angle_alpha   90.00
_cell.angle_beta   90.00
_cell.angle_gamma   120.00
#
_symmetry.space_group_name_H-M   'P 63 2 2'
#
loop_
_entity.id
_entity.type
_entity.pdbx_description
1 polymer '3-dehydroquinate synthase'
2 non-polymer NICOTINAMIDE-ADENINE-DINUCLEOTIDE
3 non-polymer 'CHLORIDE ION'
4 water water
#
_entity_poly.entity_id   1
_entity_poly.type   'polypeptide(L)'
_entity_poly.pdbx_seq_one_letter_code
;SNAMISKLSVNPTFSPSYNIIVDSVLDFSHILEYVTNKQVLVVTNTTVAKLYLTKFLAALVDDLDVRTCILEDGEQYKSQ
QSLDKILSTLLENHFTRNSTVLVALGGGVIGDITGFAAAIYQRGIDFIQIPTTLLSQVDSSVGGKTAINHQLGKNMIGAF
YQPKVVYTSIEFYKTLPQREYIAGMAEVVKYAFISKDFYLWLDSNRDKILAKDSVTLIEMVKRSCQIKAQVVAMDEKELT
GARAILNFGHTFGHAIEKCQNYRGLKHGEAVGVGMAQAIDFSHYLGLISQQQAKDFNDFIVSFGISIDFPNDICQKEFLE
AMLLDKKNSNKELKFILIENIGSLSLQKQSKNELEQFLDISR
;
_entity_poly.pdbx_strand_id   A
#
# COMPACT_ATOMS: atom_id res chain seq x y z
N SER A 1 13.51 -23.33 11.18
CA SER A 1 12.91 -24.39 12.05
C SER A 1 11.84 -23.85 13.00
N ASN A 2 12.28 -23.36 14.15
CA ASN A 2 11.39 -22.85 15.20
C ASN A 2 11.39 -21.29 15.32
N ALA A 3 10.98 -20.62 14.23
CA ALA A 3 10.93 -19.15 14.20
C ALA A 3 9.51 -18.62 14.00
N MET A 4 9.05 -17.70 14.86
CA MET A 4 7.70 -17.10 14.73
C MET A 4 7.43 -16.60 13.31
N ILE A 5 6.35 -17.10 12.76
CA ILE A 5 5.90 -16.85 11.41
C ILE A 5 4.38 -16.64 11.48
N SER A 6 3.80 -16.09 10.43
CA SER A 6 2.35 -15.97 10.36
C SER A 6 1.89 -16.07 8.94
N LYS A 7 0.98 -16.99 8.69
CA LYS A 7 0.40 -17.17 7.38
C LYS A 7 -1.03 -16.73 7.44
N LEU A 8 -1.49 -16.12 6.37
CA LEU A 8 -2.87 -15.70 6.27
C LEU A 8 -3.38 -16.05 4.88
N SER A 9 -4.34 -16.98 4.79
CA SER A 9 -4.94 -17.33 3.49
C SER A 9 -5.86 -16.23 3.00
N VAL A 10 -5.60 -15.82 1.77
CA VAL A 10 -6.42 -14.83 1.11
C VAL A 10 -7.03 -15.65 0.00
N ASN A 11 -8.33 -15.54 -0.19
CA ASN A 11 -8.99 -16.28 -1.25
C ASN A 11 -9.81 -15.36 -2.15
N PRO A 12 -9.19 -14.83 -3.22
CA PRO A 12 -9.90 -13.98 -4.19
C PRO A 12 -11.08 -14.76 -4.75
N THR A 13 -12.23 -14.13 -4.93
CA THR A 13 -13.40 -14.87 -5.45
C THR A 13 -13.27 -15.25 -6.93
N PHE A 14 -12.37 -14.60 -7.65
CA PHE A 14 -12.18 -14.89 -9.08
C PHE A 14 -10.73 -15.33 -9.35
N SER A 15 -10.17 -16.12 -8.43
CA SER A 15 -8.78 -16.59 -8.53
C SER A 15 -8.38 -17.55 -7.38
N PRO A 16 -7.38 -18.44 -7.63
CA PRO A 16 -6.95 -19.37 -6.56
C PRO A 16 -6.40 -18.60 -5.35
N SER A 17 -6.54 -19.19 -4.17
CA SER A 17 -6.07 -18.56 -2.93
C SER A 17 -4.56 -18.56 -2.87
N TYR A 18 -4.03 -17.67 -2.04
CA TYR A 18 -2.60 -17.56 -1.81
C TYR A 18 -2.47 -17.16 -0.37
N ASN A 19 -1.27 -17.27 0.18
CA ASN A 19 -1.10 -16.80 1.53
C ASN A 19 0.03 -15.83 1.77
N ILE A 20 -0.22 -14.91 2.70
CA ILE A 20 0.72 -13.87 3.07
C ILE A 20 1.49 -14.39 4.28
N ILE A 21 2.80 -14.50 4.12
CA ILE A 21 3.69 -14.98 5.16
C ILE A 21 4.42 -13.77 5.72
N VAL A 22 4.41 -13.66 7.05
CA VAL A 22 5.04 -12.55 7.75
C VAL A 22 6.00 -13.16 8.79
N ASP A 23 7.32 -13.05 8.63
CA ASP A 23 8.18 -13.62 9.69
C ASP A 23 9.14 -12.72 10.42
N SER A 24 9.56 -13.19 11.58
CA SER A 24 10.48 -12.50 12.47
C SER A 24 11.90 -12.41 11.96
N VAL A 25 12.30 -13.35 11.11
CA VAL A 25 13.65 -13.32 10.56
C VAL A 25 13.54 -13.11 9.05
N LEU A 26 14.68 -12.95 8.39
CA LEU A 26 14.71 -12.80 6.94
C LEU A 26 15.20 -14.15 6.42
N ASP A 27 14.27 -14.90 5.82
CA ASP A 27 14.55 -16.23 5.31
C ASP A 27 13.80 -16.40 3.97
N PHE A 28 14.42 -15.96 2.88
CA PHE A 28 13.79 -16.01 1.56
C PHE A 28 13.45 -17.40 1.02
N SER A 29 13.88 -18.46 1.73
CA SER A 29 13.61 -19.82 1.30
C SER A 29 12.13 -20.18 1.39
N HIS A 30 11.35 -19.37 2.12
CA HIS A 30 9.90 -19.58 2.22
C HIS A 30 9.19 -19.46 0.87
N ILE A 31 9.91 -19.03 -0.17
CA ILE A 31 9.32 -18.90 -1.51
C ILE A 31 9.87 -19.89 -2.56
N LEU A 32 10.84 -20.72 -2.17
CA LEU A 32 11.43 -21.70 -3.11
C LEU A 32 10.41 -22.58 -3.84
N GLU A 33 9.32 -22.94 -3.15
CA GLU A 33 8.24 -23.74 -3.73
C GLU A 33 7.63 -23.11 -5.03
N TYR A 34 7.72 -21.78 -5.16
CA TYR A 34 7.14 -21.07 -6.32
C TYR A 34 8.22 -20.54 -7.30
N VAL A 35 9.46 -20.96 -7.08
CA VAL A 35 10.62 -20.52 -7.86
C VAL A 35 11.43 -21.67 -8.51
N THR A 36 11.18 -22.90 -8.06
CA THR A 36 11.88 -24.10 -8.54
C THR A 36 11.60 -24.37 -10.01
N ASN A 37 12.68 -24.68 -10.75
CA ASN A 37 12.61 -25.00 -12.18
C ASN A 37 11.86 -23.97 -13.02
N LYS A 38 11.98 -22.72 -12.61
CA LYS A 38 11.34 -21.60 -13.29
C LYS A 38 12.36 -20.55 -13.66
N GLN A 39 12.04 -19.78 -14.68
CA GLN A 39 12.90 -18.70 -15.12
C GLN A 39 12.43 -17.54 -14.23
N VAL A 40 13.33 -17.04 -13.40
CA VAL A 40 13.02 -16.00 -12.43
C VAL A 40 13.61 -14.64 -12.73
N LEU A 41 12.75 -13.63 -12.80
CA LEU A 41 13.22 -12.27 -12.97
C LEU A 41 12.83 -11.52 -11.70
N VAL A 42 13.83 -10.94 -11.04
CA VAL A 42 13.61 -10.16 -9.82
C VAL A 42 13.64 -8.70 -10.22
N VAL A 43 12.62 -7.95 -9.82
CA VAL A 43 12.56 -6.54 -10.12
C VAL A 43 12.74 -5.81 -8.79
N THR A 44 13.56 -4.78 -8.78
CA THR A 44 13.87 -4.03 -7.57
C THR A 44 14.28 -2.63 -8.01
N ASN A 45 14.57 -1.76 -7.03
CA ASN A 45 15.12 -0.45 -7.34
C ASN A 45 16.56 -0.48 -6.77
N THR A 46 17.35 0.55 -7.06
CA THR A 46 18.73 0.60 -6.61
C THR A 46 18.90 0.43 -5.11
N THR A 47 18.05 1.09 -4.31
CA THR A 47 18.15 1.02 -2.84
C THR A 47 17.88 -0.38 -2.28
N VAL A 48 16.70 -0.93 -2.59
CA VAL A 48 16.34 -2.24 -2.08
C VAL A 48 17.37 -3.27 -2.54
N ALA A 49 17.90 -3.06 -3.74
CA ALA A 49 18.90 -3.95 -4.32
C ALA A 49 20.15 -3.93 -3.46
N LYS A 50 20.65 -2.72 -3.17
CA LYS A 50 21.83 -2.45 -2.35
C LYS A 50 21.77 -3.24 -1.04
N LEU A 51 20.62 -3.18 -0.39
CA LEU A 51 20.37 -3.78 0.92
C LEU A 51 20.00 -5.24 0.93
N TYR A 52 19.23 -5.70 -0.04
CA TYR A 52 18.77 -7.09 -0.03
C TYR A 52 19.05 -8.00 -1.22
N LEU A 53 19.34 -7.43 -2.40
CA LEU A 53 19.53 -8.27 -3.59
C LEU A 53 20.53 -9.43 -3.48
N THR A 54 21.75 -9.16 -3.02
CA THR A 54 22.74 -10.27 -2.93
C THR A 54 22.35 -11.30 -1.88
N LYS A 55 21.53 -10.94 -0.91
CA LYS A 55 21.06 -11.90 0.09
C LYS A 55 19.98 -12.74 -0.58
N PHE A 56 19.13 -12.07 -1.35
CA PHE A 56 18.06 -12.75 -2.03
C PHE A 56 18.55 -13.80 -3.04
N LEU A 57 19.49 -13.40 -3.90
CA LEU A 57 20.05 -14.29 -4.91
C LEU A 57 20.73 -15.49 -4.26
N ALA A 58 21.39 -15.23 -3.11
CA ALA A 58 22.08 -16.25 -2.35
C ALA A 58 21.10 -17.27 -1.74
N ALA A 59 19.87 -16.83 -1.46
CA ALA A 59 18.83 -17.71 -0.91
C ALA A 59 18.28 -18.68 -1.96
N LEU A 60 18.53 -18.40 -3.23
CA LEU A 60 18.13 -19.27 -4.33
C LEU A 60 19.41 -20.01 -4.70
N VAL A 61 20.27 -19.35 -5.51
CA VAL A 61 21.60 -19.82 -6.02
C VAL A 61 21.77 -21.36 -6.19
N ASP A 62 20.67 -22.02 -6.55
CA ASP A 62 20.62 -23.47 -6.76
C ASP A 62 20.73 -23.84 -8.25
N ASP A 63 21.66 -23.19 -8.95
CA ASP A 63 21.89 -23.39 -10.41
C ASP A 63 20.62 -23.07 -11.21
N LEU A 64 19.80 -22.18 -10.65
CA LEU A 64 18.54 -21.76 -11.22
C LEU A 64 18.70 -20.59 -12.18
N ASP A 65 17.91 -20.61 -13.26
CA ASP A 65 17.93 -19.54 -14.25
C ASP A 65 17.29 -18.27 -13.63
N VAL A 66 18.14 -17.44 -13.02
CA VAL A 66 17.70 -16.21 -12.34
C VAL A 66 18.31 -14.96 -12.93
N ARG A 67 17.46 -13.98 -13.23
CA ARG A 67 17.90 -12.68 -13.76
C ARG A 67 17.36 -11.53 -12.97
N THR A 68 17.98 -10.36 -13.13
CA THR A 68 17.56 -9.20 -12.36
C THR A 68 17.34 -7.95 -13.21
N CYS A 69 16.42 -7.12 -12.76
CA CYS A 69 16.12 -5.86 -13.42
C CYS A 69 16.07 -4.81 -12.32
N ILE A 70 17.11 -3.98 -12.22
CA ILE A 70 17.19 -2.96 -11.16
C ILE A 70 16.71 -1.61 -11.68
N LEU A 71 15.49 -1.23 -11.32
CA LEU A 71 14.93 0.07 -11.71
C LEU A 71 15.44 1.18 -10.78
N GLU A 72 15.26 2.42 -11.19
CA GLU A 72 15.66 3.52 -10.34
C GLU A 72 14.64 3.85 -9.24
N ASP A 73 15.16 4.32 -8.13
CA ASP A 73 14.33 4.60 -6.99
C ASP A 73 13.45 5.83 -7.22
N GLY A 74 12.15 5.68 -6.99
CA GLY A 74 11.26 6.78 -7.20
C GLY A 74 9.98 6.48 -7.93
N GLU A 75 8.92 7.18 -7.51
CA GLU A 75 7.57 7.10 -8.05
C GLU A 75 7.59 7.45 -9.54
N GLN A 76 8.44 8.39 -9.92
CA GLN A 76 8.57 8.78 -11.33
C GLN A 76 8.95 7.62 -12.22
N TYR A 77 9.58 6.59 -11.65
CA TYR A 77 10.01 5.46 -12.43
C TYR A 77 9.01 4.33 -12.54
N LYS A 78 7.79 4.54 -12.05
CA LYS A 78 6.70 3.56 -12.18
C LYS A 78 6.04 4.03 -13.48
N SER A 79 6.84 3.98 -14.54
CA SER A 79 6.53 4.47 -15.86
C SER A 79 6.57 3.42 -16.93
N GLN A 80 6.07 3.79 -18.11
CA GLN A 80 6.09 2.91 -19.27
C GLN A 80 7.55 2.61 -19.57
N GLN A 81 8.41 3.63 -19.48
CA GLN A 81 9.83 3.44 -19.74
C GLN A 81 10.42 2.28 -18.91
N SER A 82 10.12 2.25 -17.62
CA SER A 82 10.58 1.16 -16.76
C SER A 82 9.92 -0.17 -17.12
N LEU A 83 8.63 -0.12 -17.44
CA LEU A 83 7.90 -1.31 -17.82
C LEU A 83 8.59 -1.97 -19.03
N ASP A 84 9.05 -1.15 -19.98
CA ASP A 84 9.76 -1.64 -21.18
C ASP A 84 11.07 -2.36 -20.81
N LYS A 85 11.77 -1.90 -19.76
CA LYS A 85 13.01 -2.54 -19.30
C LYS A 85 12.68 -3.94 -18.79
N ILE A 86 11.61 -4.05 -18.02
CA ILE A 86 11.18 -5.34 -17.48
C ILE A 86 10.77 -6.29 -18.62
N LEU A 87 10.06 -5.74 -19.60
CA LEU A 87 9.62 -6.52 -20.75
C LEU A 87 10.77 -6.94 -21.69
N SER A 88 11.76 -6.05 -21.89
CA SER A 88 12.89 -6.43 -22.73
C SER A 88 13.70 -7.53 -22.08
N THR A 89 13.90 -7.42 -20.76
CA THR A 89 14.66 -8.42 -20.04
C THR A 89 13.99 -9.78 -20.21
N LEU A 90 12.67 -9.81 -20.12
CA LEU A 90 11.93 -11.05 -20.31
C LEU A 90 12.05 -11.62 -21.74
N LEU A 91 12.00 -10.75 -22.74
CA LEU A 91 12.08 -11.18 -24.12
C LEU A 91 13.49 -11.50 -24.57
N GLU A 92 14.47 -10.68 -24.18
CA GLU A 92 15.88 -10.93 -24.52
C GLU A 92 16.33 -12.26 -23.99
N ASN A 93 15.82 -12.64 -22.83
CA ASN A 93 16.20 -13.90 -22.23
C ASN A 93 15.23 -15.02 -22.43
N HIS A 94 14.37 -14.87 -23.42
CA HIS A 94 13.39 -15.90 -23.80
C HIS A 94 12.64 -16.56 -22.63
N PHE A 95 12.08 -15.74 -21.76
CA PHE A 95 11.25 -16.22 -20.66
C PHE A 95 9.87 -16.64 -21.20
N THR A 96 9.64 -17.95 -21.27
CA THR A 96 8.34 -18.50 -21.77
C THR A 96 7.14 -18.15 -20.89
N ARG A 97 5.91 -18.39 -21.37
CA ARG A 97 4.74 -18.12 -20.55
C ARG A 97 4.63 -19.14 -19.40
N ASN A 98 5.06 -20.38 -19.65
CA ASN A 98 4.95 -21.48 -18.68
C ASN A 98 5.83 -21.66 -17.47
N SER A 99 7.09 -21.26 -17.51
CA SER A 99 7.87 -21.40 -16.28
C SER A 99 8.53 -20.10 -15.93
N THR A 100 7.74 -19.04 -15.94
CA THR A 100 8.26 -17.72 -15.66
C THR A 100 7.62 -17.18 -14.41
N VAL A 101 8.42 -16.49 -13.62
CA VAL A 101 7.98 -15.87 -12.39
C VAL A 101 8.67 -14.53 -12.26
N LEU A 102 7.87 -13.50 -12.00
CA LEU A 102 8.41 -12.21 -11.68
C LEU A 102 8.36 -12.11 -10.16
N VAL A 103 9.45 -11.66 -9.57
CA VAL A 103 9.52 -11.44 -8.14
C VAL A 103 9.70 -9.95 -7.91
N ALA A 104 8.73 -9.35 -7.22
CA ALA A 104 8.78 -7.95 -6.91
C ALA A 104 9.41 -7.83 -5.54
N LEU A 105 10.68 -7.42 -5.52
CA LEU A 105 11.44 -7.22 -4.28
C LEU A 105 11.59 -5.71 -4.12
N GLY A 106 10.77 -5.14 -3.24
CA GLY A 106 10.80 -3.71 -2.97
C GLY A 106 9.50 -3.24 -2.35
N GLY A 107 9.25 -1.93 -2.41
CA GLY A 107 8.03 -1.38 -1.86
C GLY A 107 6.92 -1.31 -2.89
N GLY A 108 5.86 -0.60 -2.53
CA GLY A 108 4.71 -0.40 -3.38
C GLY A 108 4.98 -0.07 -4.84
N VAL A 109 5.95 0.82 -5.12
CA VAL A 109 6.23 1.19 -6.51
C VAL A 109 6.67 -0.03 -7.31
N ILE A 110 7.64 -0.77 -6.78
CA ILE A 110 8.13 -2.00 -7.39
C ILE A 110 7.00 -3.01 -7.49
N GLY A 111 6.19 -3.12 -6.44
CA GLY A 111 5.05 -4.04 -6.43
C GLY A 111 4.03 -3.78 -7.54
N ASP A 112 3.75 -2.50 -7.82
CA ASP A 112 2.78 -2.15 -8.84
C ASP A 112 3.22 -2.47 -10.22
N ILE A 113 4.43 -2.01 -10.55
CA ILE A 113 4.98 -2.20 -11.91
C ILE A 113 5.27 -3.68 -12.21
N THR A 114 5.85 -4.39 -11.25
CA THR A 114 6.15 -5.79 -11.42
C THR A 114 4.86 -6.55 -11.59
N GLY A 115 3.86 -6.25 -10.77
CA GLY A 115 2.57 -6.92 -10.88
C GLY A 115 1.93 -6.67 -12.24
N PHE A 116 2.01 -5.43 -12.72
CA PHE A 116 1.45 -5.09 -14.00
C PHE A 116 2.17 -5.82 -15.12
N ALA A 117 3.51 -5.85 -15.06
CA ALA A 117 4.33 -6.57 -16.06
C ALA A 117 3.89 -8.04 -16.09
N ALA A 118 3.82 -8.67 -14.93
CA ALA A 118 3.39 -10.05 -14.79
C ALA A 118 1.97 -10.28 -15.34
N ALA A 119 1.14 -9.25 -15.26
CA ALA A 119 -0.22 -9.37 -15.73
C ALA A 119 -0.36 -9.35 -17.26
N ILE A 120 0.60 -8.73 -17.94
CA ILE A 120 0.52 -8.55 -19.38
C ILE A 120 1.48 -9.38 -20.21
N TYR A 121 2.61 -9.74 -19.61
CA TYR A 121 3.62 -10.57 -20.28
C TYR A 121 2.98 -11.89 -20.67
N GLN A 122 2.79 -12.07 -21.98
CA GLN A 122 2.15 -13.25 -22.56
C GLN A 122 0.81 -13.52 -21.88
N ARG A 123 0.08 -12.42 -21.69
CA ARG A 123 -1.23 -12.35 -21.06
C ARG A 123 -1.26 -12.98 -19.67
N GLY A 124 -0.18 -12.82 -18.90
CA GLY A 124 -0.13 -13.37 -17.52
C GLY A 124 0.84 -14.48 -17.17
N ILE A 125 1.75 -14.20 -16.25
CA ILE A 125 2.73 -15.16 -15.76
C ILE A 125 2.77 -15.04 -14.24
N ASP A 126 3.30 -16.07 -13.55
CA ASP A 126 3.40 -16.05 -12.08
C ASP A 126 4.04 -14.80 -11.55
N PHE A 127 3.45 -14.28 -10.48
CA PHE A 127 3.89 -13.08 -9.80
C PHE A 127 4.08 -13.34 -8.31
N ILE A 128 5.23 -12.95 -7.76
CA ILE A 128 5.53 -13.14 -6.31
C ILE A 128 5.89 -11.79 -5.69
N GLN A 129 5.24 -11.45 -4.58
CA GLN A 129 5.52 -10.17 -3.89
C GLN A 129 6.36 -10.30 -2.65
N ILE A 130 7.35 -9.42 -2.53
CA ILE A 130 8.17 -9.35 -1.34
C ILE A 130 8.18 -7.86 -0.93
N PRO A 131 7.07 -7.39 -0.29
CA PRO A 131 6.94 -6.00 0.14
C PRO A 131 8.00 -5.67 1.17
N THR A 132 8.79 -4.62 0.92
CA THR A 132 9.87 -4.27 1.85
C THR A 132 9.60 -2.99 2.65
N THR A 133 8.36 -2.51 2.55
CA THR A 133 7.93 -1.32 3.29
C THR A 133 6.64 -1.70 4.00
N LEU A 134 6.40 -1.07 5.17
CA LEU A 134 5.20 -1.33 5.94
C LEU A 134 3.94 -1.04 5.14
N LEU A 135 3.94 0.06 4.41
CA LEU A 135 2.79 0.41 3.60
C LEU A 135 2.50 -0.68 2.57
N SER A 136 3.51 -1.15 1.83
CA SER A 136 3.25 -2.20 0.85
C SER A 136 2.88 -3.55 1.50
N GLN A 137 3.33 -3.78 2.73
CA GLN A 137 2.98 -5.03 3.40
C GLN A 137 1.48 -5.11 3.68
N VAL A 138 0.90 -4.00 4.14
CA VAL A 138 -0.51 -3.98 4.52
C VAL A 138 -1.46 -3.49 3.45
N ASP A 139 -0.94 -2.99 2.33
CA ASP A 139 -1.81 -2.46 1.30
C ASP A 139 -1.70 -3.15 -0.08
N SER A 140 -0.48 -3.40 -0.57
CA SER A 140 -0.22 -4.10 -1.85
C SER A 140 -0.48 -5.63 -1.81
N SER A 141 -0.27 -6.24 -0.65
CA SER A 141 -0.42 -7.69 -0.48
C SER A 141 -1.83 -8.29 -0.70
N VAL A 142 -2.85 -7.44 -0.77
CA VAL A 142 -4.27 -7.85 -0.95
C VAL A 142 -4.99 -6.89 -1.90
N GLY A 143 -5.94 -7.40 -2.67
CA GLY A 143 -6.72 -6.56 -3.58
C GLY A 143 -6.46 -6.79 -5.07
N GLY A 144 -5.21 -7.13 -5.39
CA GLY A 144 -4.83 -7.39 -6.76
C GLY A 144 -4.55 -6.18 -7.64
N LYS A 145 -4.57 -4.97 -7.09
CA LYS A 145 -4.28 -3.79 -7.93
C LYS A 145 -2.82 -3.69 -8.36
N THR A 146 -2.62 -3.51 -9.65
CA THR A 146 -1.29 -3.31 -10.20
C THR A 146 -1.51 -2.13 -11.14
N ALA A 147 -0.48 -1.31 -11.35
CA ALA A 147 -0.60 -0.14 -12.23
C ALA A 147 0.73 0.52 -12.51
N ILE A 148 0.72 1.44 -13.47
CA ILE A 148 1.89 2.27 -13.81
C ILE A 148 1.37 3.68 -14.05
N ASN A 149 2.25 4.66 -13.97
CA ASN A 149 1.86 6.03 -14.19
C ASN A 149 1.99 6.44 -15.64
N HIS A 150 1.30 7.51 -15.98
CA HIS A 150 1.37 8.10 -17.30
C HIS A 150 1.59 9.57 -17.05
N GLN A 151 2.26 10.27 -17.96
CA GLN A 151 2.51 11.70 -17.77
C GLN A 151 1.20 12.47 -17.45
N LEU A 152 0.09 11.99 -17.98
CA LEU A 152 -1.21 12.62 -17.79
C LEU A 152 -2.01 12.14 -16.59
N GLY A 153 -1.47 11.18 -15.84
CA GLY A 153 -2.19 10.67 -14.68
C GLY A 153 -1.51 9.54 -13.95
N LYS A 154 -1.58 9.56 -12.63
CA LYS A 154 -0.95 8.50 -11.86
C LYS A 154 -1.90 7.31 -11.69
N ASN A 155 -1.36 6.10 -11.81
CA ASN A 155 -2.14 4.87 -11.68
C ASN A 155 -3.34 4.77 -12.60
N MET A 156 -3.17 5.17 -13.85
CA MET A 156 -4.24 5.20 -14.85
C MET A 156 -4.26 3.99 -15.78
N ILE A 157 -3.15 3.26 -15.79
CA ILE A 157 -2.96 2.09 -16.60
C ILE A 157 -2.59 0.99 -15.63
N GLY A 158 -3.28 -0.14 -15.72
CA GLY A 158 -3.00 -1.24 -14.81
C GLY A 158 -3.87 -2.46 -15.03
N ALA A 159 -3.81 -3.40 -14.09
CA ALA A 159 -4.60 -4.61 -14.18
C ALA A 159 -4.86 -5.18 -12.80
N PHE A 160 -5.91 -5.99 -12.67
CA PHE A 160 -6.14 -6.70 -11.41
C PHE A 160 -5.38 -8.03 -11.58
N TYR A 161 -4.37 -8.25 -10.74
CA TYR A 161 -3.58 -9.47 -10.84
C TYR A 161 -3.13 -9.93 -9.46
N GLN A 162 -3.54 -11.14 -9.10
CA GLN A 162 -3.23 -11.73 -7.79
C GLN A 162 -1.84 -12.35 -7.76
N PRO A 163 -1.17 -12.40 -6.58
CA PRO A 163 0.15 -13.07 -6.53
C PRO A 163 0.04 -14.56 -6.18
N LYS A 164 1.13 -15.31 -6.37
CA LYS A 164 1.13 -16.76 -6.04
C LYS A 164 1.41 -16.92 -4.56
N VAL A 165 2.12 -15.93 -4.02
CA VAL A 165 2.47 -15.91 -2.61
C VAL A 165 2.99 -14.51 -2.25
N VAL A 166 2.90 -14.17 -0.97
CA VAL A 166 3.41 -12.91 -0.47
C VAL A 166 4.30 -13.26 0.74
N TYR A 167 5.60 -13.01 0.59
CA TYR A 167 6.52 -13.26 1.69
C TYR A 167 7.09 -11.95 2.13
N THR A 168 7.00 -11.68 3.43
CA THR A 168 7.57 -10.44 3.98
C THR A 168 8.15 -10.67 5.37
N SER A 169 8.99 -9.75 5.81
CA SER A 169 9.63 -9.88 7.11
C SER A 169 9.72 -8.58 7.85
N ILE A 170 9.53 -8.63 9.15
CA ILE A 170 9.63 -7.43 9.97
C ILE A 170 11.08 -6.96 9.98
N GLU A 171 11.99 -7.82 9.53
CA GLU A 171 13.39 -7.46 9.44
C GLU A 171 13.61 -6.30 8.50
N PHE A 172 12.71 -6.14 7.52
CA PHE A 172 12.82 -5.02 6.58
C PHE A 172 12.74 -3.65 7.26
N TYR A 173 12.12 -3.59 8.43
CA TYR A 173 12.01 -2.32 9.14
C TYR A 173 13.37 -1.85 9.66
N LYS A 174 14.34 -2.76 9.78
CA LYS A 174 15.65 -2.36 10.30
C LYS A 174 16.40 -1.38 9.38
N THR A 175 16.07 -1.40 8.10
CA THR A 175 16.72 -0.52 7.12
C THR A 175 15.78 0.56 6.60
N LEU A 176 14.49 0.46 6.93
CA LEU A 176 13.45 1.41 6.49
C LEU A 176 13.49 2.69 7.31
N PRO A 177 13.65 3.83 6.63
CA PRO A 177 13.71 5.17 7.26
C PRO A 177 12.48 5.44 8.12
N GLN A 178 12.66 6.13 9.25
CA GLN A 178 11.54 6.43 10.14
C GLN A 178 10.36 6.99 9.36
N ARG A 179 10.57 8.02 8.51
CA ARG A 179 9.42 8.59 7.79
C ARG A 179 8.66 7.55 7.00
N GLU A 180 9.36 6.68 6.30
CA GLU A 180 8.71 5.64 5.52
C GLU A 180 7.90 4.70 6.40
N TYR A 181 8.46 4.33 7.54
CA TYR A 181 7.78 3.45 8.48
C TYR A 181 6.48 4.10 8.96
N ILE A 182 6.58 5.31 9.48
CA ILE A 182 5.40 6.06 9.96
C ILE A 182 4.36 6.25 8.86
N ALA A 183 4.82 6.51 7.62
CA ALA A 183 3.94 6.66 6.48
C ALA A 183 3.12 5.38 6.29
N GLY A 184 3.74 4.24 6.53
CA GLY A 184 3.05 2.96 6.42
C GLY A 184 2.12 2.76 7.60
N MET A 185 2.47 3.32 8.74
CA MET A 185 1.65 3.18 9.92
C MET A 185 0.29 3.89 9.72
N ALA A 186 0.25 4.87 8.82
CA ALA A 186 -1.00 5.58 8.54
C ALA A 186 -1.99 4.62 7.90
N GLU A 187 -1.51 3.72 7.05
CA GLU A 187 -2.38 2.70 6.43
C GLU A 187 -2.92 1.73 7.47
N VAL A 188 -2.09 1.34 8.43
CA VAL A 188 -2.51 0.42 9.49
C VAL A 188 -3.66 1.06 10.30
N VAL A 189 -3.46 2.31 10.71
CA VAL A 189 -4.45 3.07 11.47
C VAL A 189 -5.77 3.18 10.69
N LYS A 190 -5.68 3.28 9.36
CA LYS A 190 -6.87 3.36 8.52
C LYS A 190 -7.76 2.13 8.76
N TYR A 191 -7.14 0.95 8.86
CA TYR A 191 -7.88 -0.27 9.11
C TYR A 191 -8.58 -0.25 10.47
N ALA A 192 -8.00 0.51 11.41
CA ALA A 192 -8.61 0.67 12.74
C ALA A 192 -9.93 1.47 12.60
N PHE A 193 -9.99 2.44 11.69
CA PHE A 193 -11.24 3.18 11.49
C PHE A 193 -12.29 2.33 10.75
N ILE A 194 -11.80 1.37 9.97
CA ILE A 194 -12.63 0.45 9.23
C ILE A 194 -13.18 -0.66 10.14
N SER A 195 -12.34 -1.14 11.06
CA SER A 195 -12.71 -2.23 11.96
C SER A 195 -12.55 -1.91 13.43
N LYS A 196 -13.68 -1.86 14.14
CA LYS A 196 -13.68 -1.55 15.56
C LYS A 196 -12.84 -2.52 16.39
N ASP A 197 -12.89 -3.80 16.05
CA ASP A 197 -12.05 -4.80 16.74
C ASP A 197 -10.57 -4.42 16.65
N PHE A 198 -10.09 -4.13 15.44
CA PHE A 198 -8.69 -3.78 15.21
C PHE A 198 -8.34 -2.53 16.00
N TYR A 199 -9.26 -1.56 16.01
CA TYR A 199 -9.07 -0.32 16.73
C TYR A 199 -8.75 -0.63 18.21
N LEU A 200 -9.58 -1.48 18.81
CA LEU A 200 -9.37 -1.86 20.20
C LEU A 200 -8.05 -2.59 20.36
N TRP A 201 -7.69 -3.45 19.40
CA TRP A 201 -6.44 -4.18 19.49
C TRP A 201 -5.24 -3.25 19.47
N LEU A 202 -5.19 -2.33 18.49
CA LEU A 202 -4.10 -1.35 18.41
C LEU A 202 -4.00 -0.49 19.66
N ASP A 203 -5.14 -0.07 20.19
CA ASP A 203 -5.18 0.78 21.36
C ASP A 203 -4.57 0.08 22.59
N SER A 204 -4.66 -1.25 22.61
CA SER A 204 -4.12 -2.05 23.70
C SER A 204 -2.65 -2.40 23.53
N ASN A 205 -2.22 -2.50 22.27
CA ASN A 205 -0.86 -2.90 21.97
C ASN A 205 0.06 -1.81 21.48
N ARG A 206 -0.40 -0.55 21.58
CA ARG A 206 0.39 0.62 21.17
C ARG A 206 1.84 0.61 21.70
N ASP A 207 1.97 0.40 23.02
CA ASP A 207 3.26 0.35 23.71
C ASP A 207 4.20 -0.65 23.05
N LYS A 208 3.73 -1.89 22.89
CA LYS A 208 4.52 -2.91 22.20
C LYS A 208 4.79 -2.60 20.73
N ILE A 209 3.78 -2.06 20.03
CA ILE A 209 3.91 -1.67 18.62
C ILE A 209 4.99 -0.61 18.50
N LEU A 210 4.91 0.43 19.33
CA LEU A 210 5.90 1.50 19.25
C LEU A 210 7.27 1.01 19.67
N ALA A 211 7.33 0.09 20.65
CA ALA A 211 8.61 -0.49 21.10
C ALA A 211 9.13 -1.55 20.09
N LYS A 212 8.37 -1.76 19.02
CA LYS A 212 8.68 -2.72 17.97
C LYS A 212 8.84 -4.18 18.40
N ASP A 213 7.94 -4.64 19.26
CA ASP A 213 7.96 -6.02 19.70
C ASP A 213 7.62 -6.90 18.48
N SER A 214 8.52 -7.82 18.14
CA SER A 214 8.37 -8.73 17.00
C SER A 214 7.04 -9.45 16.92
N VAL A 215 6.66 -10.14 17.99
CA VAL A 215 5.40 -10.87 18.00
C VAL A 215 4.23 -9.92 17.69
N THR A 216 4.25 -8.72 18.27
CA THR A 216 3.17 -7.75 18.08
C THR A 216 3.08 -7.22 16.64
N LEU A 217 4.22 -6.79 16.10
CA LEU A 217 4.26 -6.24 14.74
C LEU A 217 3.76 -7.24 13.71
N ILE A 218 4.18 -8.49 13.87
CA ILE A 218 3.75 -9.55 12.97
C ILE A 218 2.23 -9.64 12.97
N GLU A 219 1.62 -9.64 14.17
CA GLU A 219 0.15 -9.73 14.28
C GLU A 219 -0.52 -8.47 13.73
N MET A 220 0.12 -7.33 13.95
CA MET A 220 -0.39 -6.06 13.44
C MET A 220 -0.54 -6.12 11.90
N VAL A 221 0.53 -6.58 11.23
CA VAL A 221 0.55 -6.74 9.78
C VAL A 221 -0.54 -7.75 9.37
N LYS A 222 -0.54 -8.92 10.03
CA LYS A 222 -1.54 -9.95 9.75
C LYS A 222 -2.98 -9.42 9.81
N ARG A 223 -3.33 -8.77 10.92
CA ARG A 223 -4.68 -8.23 11.10
C ARG A 223 -5.06 -7.16 10.09
N SER A 224 -4.08 -6.32 9.70
CA SER A 224 -4.34 -5.28 8.71
C SER A 224 -4.74 -5.96 7.41
N CYS A 225 -3.93 -6.94 6.98
CA CYS A 225 -4.20 -7.72 5.78
C CYS A 225 -5.56 -8.43 5.83
N GLN A 226 -5.94 -9.00 6.98
CA GLN A 226 -7.26 -9.65 7.11
C GLN A 226 -8.38 -8.67 6.85
N ILE A 227 -8.26 -7.46 7.37
CA ILE A 227 -9.29 -6.46 7.20
C ILE A 227 -9.49 -6.12 5.72
N LYS A 228 -8.38 -5.84 5.01
CA LYS A 228 -8.49 -5.50 3.60
C LYS A 228 -9.10 -6.68 2.80
N ALA A 229 -8.72 -7.90 3.20
CA ALA A 229 -9.21 -9.12 2.56
C ALA A 229 -10.71 -9.26 2.74
N GLN A 230 -11.19 -8.97 3.95
CA GLN A 230 -12.61 -9.01 4.28
C GLN A 230 -13.38 -7.90 3.56
N VAL A 231 -12.77 -6.72 3.40
CA VAL A 231 -13.43 -5.62 2.70
C VAL A 231 -13.60 -5.94 1.20
N VAL A 232 -12.54 -6.40 0.51
CA VAL A 232 -12.63 -6.73 -0.94
C VAL A 232 -13.58 -7.90 -1.20
N ALA A 233 -13.73 -8.79 -0.20
CA ALA A 233 -14.59 -9.96 -0.29
C ALA A 233 -16.08 -9.56 -0.37
N MET A 234 -16.37 -8.33 0.04
CA MET A 234 -17.73 -7.79 -0.04
C MET A 234 -18.03 -7.23 -1.44
N ASP A 235 -17.01 -7.24 -2.32
CA ASP A 235 -17.09 -6.80 -3.72
C ASP A 235 -17.69 -5.40 -3.89
N THR A 240 -16.58 -3.84 -7.84
CA THR A 240 -16.15 -3.32 -6.53
C THR A 240 -17.12 -2.21 -6.01
N GLY A 241 -17.89 -2.52 -4.96
CA GLY A 241 -18.90 -1.60 -4.37
C GLY A 241 -18.58 -0.93 -3.02
N ALA A 242 -18.89 -1.62 -1.91
CA ALA A 242 -18.61 -1.11 -0.54
C ALA A 242 -17.11 -1.12 -0.21
N ARG A 243 -16.31 -1.48 -1.22
CA ARG A 243 -14.86 -1.53 -1.15
C ARG A 243 -14.24 -0.12 -1.13
N ALA A 244 -15.03 0.90 -1.52
CA ALA A 244 -14.63 2.31 -1.56
C ALA A 244 -14.09 2.82 -0.22
N ILE A 245 -14.58 2.25 0.88
CA ILE A 245 -14.13 2.69 2.21
C ILE A 245 -12.62 2.58 2.37
N LEU A 246 -11.96 1.72 1.60
CA LEU A 246 -10.49 1.60 1.68
C LEU A 246 -9.83 2.92 1.30
N ASN A 247 -10.59 3.81 0.68
CA ASN A 247 -10.12 5.14 0.29
C ASN A 247 -10.33 6.19 1.35
N PHE A 248 -10.50 5.76 2.59
CA PHE A 248 -10.73 6.70 3.70
C PHE A 248 -9.52 7.60 3.80
N GLY A 249 -9.75 8.89 3.59
CA GLY A 249 -8.68 9.88 3.65
C GLY A 249 -7.84 10.06 2.40
N HIS A 250 -8.07 9.24 1.36
CA HIS A 250 -7.34 9.36 0.10
C HIS A 250 -7.79 10.56 -0.74
N THR A 251 -9.07 10.93 -0.73
CA THR A 251 -9.54 12.08 -1.50
C THR A 251 -8.70 13.32 -1.13
N PHE A 252 -8.58 13.61 0.16
CA PHE A 252 -7.74 14.71 0.61
C PHE A 252 -6.26 14.41 0.38
N GLY A 253 -5.88 13.15 0.61
CA GLY A 253 -4.51 12.68 0.42
C GLY A 253 -4.01 12.91 -1.00
N HIS A 254 -4.75 12.39 -1.98
N HIS A 254 -4.75 12.41 -1.98
CA HIS A 254 -4.34 12.57 -3.38
CA HIS A 254 -4.42 12.55 -3.40
C HIS A 254 -4.17 14.05 -3.73
C HIS A 254 -4.24 14.01 -3.79
N ALA A 255 -5.08 14.88 -3.23
CA ALA A 255 -5.04 16.32 -3.50
C ALA A 255 -3.79 17.00 -2.95
N ILE A 256 -3.32 16.57 -1.78
CA ILE A 256 -2.10 17.09 -1.16
C ILE A 256 -0.91 16.76 -2.06
N GLU A 257 -0.85 15.50 -2.51
CA GLU A 257 0.22 15.07 -3.37
C GLU A 257 0.20 15.85 -4.67
N LYS A 258 -0.99 16.02 -5.28
CA LYS A 258 -1.10 16.82 -6.51
C LYS A 258 -0.65 18.25 -6.32
N CYS A 259 -0.99 18.87 -5.20
CA CYS A 259 -0.55 20.25 -4.98
C CYS A 259 0.94 20.38 -4.74
N GLN A 260 1.55 19.38 -4.12
CA GLN A 260 2.98 19.45 -3.87
C GLN A 260 3.83 18.89 -5.00
N ASN A 261 3.17 18.31 -6.00
CA ASN A 261 3.80 17.69 -7.17
C ASN A 261 4.42 16.37 -6.79
N TYR A 262 3.85 15.69 -5.80
CA TYR A 262 4.36 14.41 -5.31
C TYR A 262 5.83 14.50 -4.75
N ARG A 263 6.26 15.72 -4.39
CA ARG A 263 7.61 15.99 -3.84
C ARG A 263 7.60 16.57 -2.40
N GLY A 264 6.43 16.53 -1.78
CA GLY A 264 6.24 17.01 -0.43
C GLY A 264 6.16 15.79 0.46
N LEU A 265 4.98 15.55 1.04
CA LEU A 265 4.71 14.42 1.91
C LEU A 265 4.75 13.12 1.14
N LYS A 266 5.22 12.04 1.80
CA LYS A 266 5.23 10.72 1.16
C LYS A 266 3.74 10.32 1.03
N HIS A 267 3.44 9.34 0.18
CA HIS A 267 2.07 8.84 -0.01
C HIS A 267 1.35 8.57 1.31
N GLY A 268 1.99 7.79 2.19
CA GLY A 268 1.40 7.42 3.49
C GLY A 268 1.23 8.59 4.44
N GLU A 269 2.14 9.55 4.36
CA GLU A 269 2.07 10.74 5.20
C GLU A 269 0.81 11.54 4.80
N ALA A 270 0.55 11.61 3.49
CA ALA A 270 -0.60 12.31 2.93
C ALA A 270 -1.92 11.64 3.39
N VAL A 271 -1.97 10.31 3.35
CA VAL A 271 -3.12 9.55 3.86
C VAL A 271 -3.38 9.90 5.35
N GLY A 272 -2.31 10.02 6.15
CA GLY A 272 -2.46 10.37 7.55
C GLY A 272 -3.20 11.70 7.69
N VAL A 273 -2.66 12.73 7.02
CA VAL A 273 -3.21 14.10 7.01
C VAL A 273 -4.62 14.08 6.43
N GLY A 274 -4.80 13.28 5.37
CA GLY A 274 -6.08 13.11 4.72
C GLY A 274 -7.16 12.55 5.63
N MET A 275 -6.81 11.52 6.41
CA MET A 275 -7.77 10.94 7.33
C MET A 275 -8.18 11.97 8.35
N ALA A 276 -7.20 12.73 8.83
CA ALA A 276 -7.50 13.76 9.80
C ALA A 276 -8.49 14.75 9.18
N GLN A 277 -8.37 15.00 7.88
CA GLN A 277 -9.31 15.89 7.24
C GLN A 277 -10.68 15.29 7.07
N ALA A 278 -10.75 14.04 6.62
CA ALA A 278 -12.01 13.34 6.47
C ALA A 278 -12.76 13.37 7.82
N ILE A 279 -12.02 13.22 8.92
CA ILE A 279 -12.59 13.23 10.26
C ILE A 279 -13.18 14.62 10.56
N ASP A 280 -12.37 15.67 10.44
CA ASP A 280 -12.81 17.05 10.65
C ASP A 280 -13.97 17.42 9.72
N PHE A 281 -13.90 16.97 8.48
CA PHE A 281 -14.95 17.21 7.50
C PHE A 281 -16.21 16.43 7.92
N SER A 282 -16.03 15.23 8.50
CA SER A 282 -17.17 14.45 8.97
C SER A 282 -17.88 15.18 10.10
N HIS A 283 -17.12 15.90 10.92
CA HIS A 283 -17.71 16.62 12.01
C HIS A 283 -18.43 17.84 11.50
N TYR A 284 -17.78 18.52 10.56
CA TYR A 284 -18.34 19.70 9.94
C TYR A 284 -19.74 19.37 9.36
N LEU A 285 -19.87 18.19 8.79
CA LEU A 285 -21.13 17.75 8.20
C LEU A 285 -22.10 17.24 9.23
N GLY A 286 -21.67 17.21 10.49
CA GLY A 286 -22.53 16.73 11.56
C GLY A 286 -22.67 15.23 11.69
N LEU A 287 -21.74 14.48 11.10
CA LEU A 287 -21.74 13.01 11.16
C LEU A 287 -21.19 12.45 12.48
N ILE A 288 -20.17 13.10 13.02
CA ILE A 288 -19.59 12.73 14.32
C ILE A 288 -19.56 13.97 15.21
N SER A 289 -19.44 13.78 16.53
CA SER A 289 -19.37 14.91 17.45
C SER A 289 -17.97 15.46 17.45
N GLN A 290 -17.78 16.64 18.03
CA GLN A 290 -16.45 17.25 18.12
C GLN A 290 -15.50 16.38 18.95
N GLN A 291 -16.05 15.79 20.02
CA GLN A 291 -15.33 14.90 20.91
C GLN A 291 -14.80 13.72 20.11
N GLN A 292 -15.66 13.07 19.33
CA GLN A 292 -15.25 11.96 18.48
C GLN A 292 -14.10 12.33 17.52
N ALA A 293 -14.21 13.51 16.91
CA ALA A 293 -13.22 13.99 16.01
C ALA A 293 -11.90 14.22 16.74
N LYS A 294 -11.99 14.80 17.92
CA LYS A 294 -10.79 15.04 18.73
C LYS A 294 -10.16 13.68 19.10
N ASP A 295 -10.99 12.73 19.56
CA ASP A 295 -10.53 11.38 19.87
C ASP A 295 -9.88 10.68 18.67
N PHE A 296 -10.52 10.74 17.50
CA PHE A 296 -9.98 10.09 16.29
C PHE A 296 -8.64 10.67 15.84
N ASN A 297 -8.53 11.99 15.79
CA ASN A 297 -7.28 12.61 15.43
C ASN A 297 -6.22 12.32 16.47
N ASP A 298 -6.63 12.28 17.74
CA ASP A 298 -5.69 11.95 18.80
C ASP A 298 -5.08 10.60 18.61
N PHE A 299 -5.90 9.66 18.14
CA PHE A 299 -5.51 8.29 17.92
C PHE A 299 -4.45 8.15 16.82
N ILE A 300 -4.60 8.95 15.77
CA ILE A 300 -3.67 8.93 14.64
C ILE A 300 -2.34 9.41 15.19
N VAL A 301 -2.37 10.51 15.92
CA VAL A 301 -1.16 11.10 16.50
C VAL A 301 -0.52 10.13 17.49
N SER A 302 -1.38 9.42 18.21
CA SER A 302 -1.01 8.40 19.17
C SER A 302 0.08 7.48 18.63
N PHE A 303 0.01 7.14 17.34
CA PHE A 303 1.00 6.27 16.69
C PHE A 303 2.13 6.96 15.94
N GLY A 304 2.40 8.22 16.28
CA GLY A 304 3.49 9.00 15.69
C GLY A 304 3.29 9.61 14.33
N ILE A 305 2.04 9.52 13.84
CA ILE A 305 1.63 10.05 12.52
C ILE A 305 1.29 11.52 12.68
N SER A 306 1.74 12.33 11.74
CA SER A 306 1.49 13.75 11.80
C SER A 306 0.24 14.11 11.04
N ILE A 307 -0.59 14.98 11.63
CA ILE A 307 -1.82 15.36 10.98
C ILE A 307 -1.86 16.82 10.49
N ASP A 308 -0.74 17.51 10.62
CA ASP A 308 -0.62 18.89 10.19
C ASP A 308 -0.81 18.99 8.69
N PHE A 309 -1.60 19.94 8.24
CA PHE A 309 -1.85 20.13 6.80
C PHE A 309 -0.66 20.95 6.28
N PRO A 310 -0.05 20.53 5.16
CA PRO A 310 1.12 21.26 4.66
C PRO A 310 0.95 22.77 4.48
N ASN A 311 1.93 23.50 4.98
CA ASN A 311 1.93 24.95 4.84
C ASN A 311 2.03 25.54 3.43
N ASP A 312 2.56 24.77 2.48
CA ASP A 312 2.80 25.26 1.12
C ASP A 312 1.68 25.08 0.12
N ILE A 313 0.54 24.56 0.54
CA ILE A 313 -0.61 24.34 -0.32
C ILE A 313 -1.62 25.46 -0.19
N CYS A 314 -1.96 26.12 -1.31
CA CYS A 314 -2.98 27.19 -1.32
C CYS A 314 -4.40 26.60 -1.39
N GLN A 315 -5.38 27.28 -0.77
CA GLN A 315 -6.77 26.83 -0.81
C GLN A 315 -7.31 26.72 -2.24
N LYS A 316 -7.02 27.74 -3.04
CA LYS A 316 -7.42 27.82 -4.43
C LYS A 316 -7.10 26.51 -5.14
N GLU A 317 -5.80 26.21 -5.28
CA GLU A 317 -5.34 24.98 -5.94
C GLU A 317 -5.83 23.70 -5.26
N PHE A 318 -5.88 23.70 -3.92
CA PHE A 318 -6.31 22.51 -3.21
C PHE A 318 -7.76 22.14 -3.56
N LEU A 319 -8.64 23.14 -3.59
CA LEU A 319 -10.04 22.93 -3.98
C LEU A 319 -10.13 22.45 -5.44
N GLU A 320 -9.33 23.06 -6.32
CA GLU A 320 -9.30 22.68 -7.73
C GLU A 320 -8.84 21.23 -7.90
N ALA A 321 -7.85 20.83 -7.10
CA ALA A 321 -7.27 19.48 -7.11
C ALA A 321 -8.29 18.41 -6.75
N MET A 322 -9.23 18.75 -5.88
CA MET A 322 -10.24 17.80 -5.44
C MET A 322 -11.46 17.70 -6.33
N LEU A 323 -11.65 18.70 -7.17
CA LEU A 323 -12.78 18.69 -8.08
C LEU A 323 -12.46 17.90 -9.35
N LEU A 324 -11.18 17.87 -9.76
CA LEU A 324 -10.75 17.12 -10.98
C LEU A 324 -11.20 15.65 -11.04
N ASP A 325 -11.26 14.98 -9.88
CA ASP A 325 -11.70 13.57 -9.79
C ASP A 325 -13.17 13.39 -10.18
N ASN A 330 -18.50 16.45 -15.53
CA ASN A 330 -18.68 17.00 -14.19
C ASN A 330 -18.61 15.93 -13.11
N LYS A 331 -19.43 14.89 -13.27
CA LYS A 331 -19.56 13.78 -12.30
C LYS A 331 -20.01 14.28 -10.91
N GLU A 332 -19.95 13.41 -9.91
CA GLU A 332 -20.32 13.80 -8.54
C GLU A 332 -19.10 13.85 -7.63
N LEU A 333 -19.23 14.61 -6.54
CA LEU A 333 -18.15 14.83 -5.59
C LEU A 333 -18.28 13.96 -4.32
N LYS A 334 -17.76 12.73 -4.40
CA LYS A 334 -17.86 11.75 -3.33
C LYS A 334 -16.64 11.64 -2.41
N PHE A 335 -16.92 11.46 -1.10
CA PHE A 335 -15.91 11.34 -0.05
C PHE A 335 -16.14 10.08 0.79
N ILE A 336 -15.09 9.60 1.46
CA ILE A 336 -15.29 8.49 2.39
C ILE A 336 -15.34 9.16 3.77
N LEU A 337 -16.51 9.13 4.40
CA LEU A 337 -16.66 9.80 5.68
C LEU A 337 -16.92 8.85 6.84
N ILE A 338 -16.54 9.29 8.05
CA ILE A 338 -16.72 8.49 9.24
C ILE A 338 -17.97 8.91 10.00
N GLU A 339 -18.65 7.92 10.58
CA GLU A 339 -19.85 8.16 11.33
C GLU A 339 -19.64 7.58 12.74
N ASN A 340 -18.71 6.62 12.81
CA ASN A 340 -18.27 5.91 14.02
C ASN A 340 -17.11 5.02 13.66
N ILE A 341 -16.33 4.62 14.67
CA ILE A 341 -15.24 3.68 14.44
C ILE A 341 -15.91 2.42 13.92
N GLY A 342 -15.49 1.98 12.73
CA GLY A 342 -16.06 0.80 12.12
C GLY A 342 -17.27 1.13 11.27
N SER A 343 -17.50 2.43 11.05
CA SER A 343 -18.61 2.89 10.21
C SER A 343 -18.24 4.03 9.26
N LEU A 344 -17.73 3.66 8.09
CA LEU A 344 -17.33 4.60 7.05
C LEU A 344 -18.34 4.51 5.91
N SER A 345 -18.55 5.61 5.19
CA SER A 345 -19.54 5.66 4.11
C SER A 345 -19.11 6.46 2.92
N LEU A 346 -19.48 5.98 1.74
CA LEU A 346 -19.23 6.71 0.51
C LEU A 346 -20.38 7.75 0.54
N GLN A 347 -20.02 9.02 0.58
CA GLN A 347 -20.99 10.06 0.76
C GLN A 347 -20.79 11.17 -0.25
N LYS A 348 -21.86 11.50 -0.97
CA LYS A 348 -21.83 12.58 -1.97
C LYS A 348 -21.99 13.90 -1.20
N GLN A 349 -21.22 14.92 -1.58
CA GLN A 349 -21.25 16.19 -0.87
C GLN A 349 -20.99 17.38 -1.83
N SER A 350 -21.68 18.52 -1.66
CA SER A 350 -21.48 19.69 -2.57
C SER A 350 -20.09 20.35 -2.55
N LYS A 351 -19.82 21.11 -3.61
CA LYS A 351 -18.58 21.84 -3.75
C LYS A 351 -18.57 22.92 -2.69
N ASN A 352 -19.76 23.48 -2.41
CA ASN A 352 -19.94 24.53 -1.41
C ASN A 352 -19.52 24.04 -0.01
N GLU A 353 -20.06 22.88 0.39
CA GLU A 353 -19.69 22.27 1.65
C GLU A 353 -18.17 22.17 1.73
N LEU A 354 -17.57 21.56 0.69
CA LEU A 354 -16.12 21.40 0.66
C LEU A 354 -15.37 22.74 0.78
N GLU A 355 -15.81 23.72 0.00
CA GLU A 355 -15.17 25.01 0.02
C GLU A 355 -15.32 25.67 1.36
N GLN A 356 -16.54 25.62 1.93
CA GLN A 356 -16.82 26.21 3.24
C GLN A 356 -16.01 25.55 4.36
N PHE A 357 -15.84 24.22 4.29
CA PHE A 357 -15.04 23.47 5.23
C PHE A 357 -13.56 23.87 5.16
N LEU A 358 -13.05 24.10 3.95
CA LEU A 358 -11.65 24.48 3.77
C LEU A 358 -11.33 25.91 4.24
N ASP A 359 -12.34 26.72 4.55
CA ASP A 359 -12.15 28.09 5.03
C ASP A 359 -11.60 28.14 6.46
N ILE A 360 -11.97 27.13 7.25
CA ILE A 360 -11.51 26.97 8.64
C ILE A 360 -10.01 26.66 8.56
N SER A 361 -9.64 25.97 7.46
CA SER A 361 -8.29 25.54 7.13
C SER A 361 -7.38 26.69 6.68
N ARG A 362 -7.93 27.54 5.80
CA ARG A 362 -7.26 28.70 5.16
C ARG A 362 -6.68 28.19 3.85
#